data_2IKH
#
_entry.id   2IKH
#
_cell.length_a   49.360
_cell.length_b   66.880
_cell.length_c   47.290
_cell.angle_alpha   90.00
_cell.angle_beta   92.13
_cell.angle_gamma   90.00
#
_symmetry.space_group_name_H-M   'P 1 21 1'
#
loop_
_entity.id
_entity.type
_entity.pdbx_description
1 polymer 'Aldose reductase'
2 non-polymer 'NADP NICOTINAMIDE-ADENINE-DINUCLEOTIDE PHOSPHATE'
3 non-polymer '{[5-(5-NITRO-2-FURYL)-1,3,4-OXADIAZOL-2-YL]THIO}ACETIC ACID'
4 water water
#
_entity_poly.entity_id   1
_entity_poly.type   'polypeptide(L)'
_entity_poly.pdbx_seq_one_letter_code
;MASRILLNNGAKMPILGLGTWKSPPGQVTEAVKVAIDVGYRHIDCAHVYQNENEVGVAIQEKLREQVVKREELFIVSKLW
CTYHEKGLVKGACQKTLSDLKLDYLDLYLIHWPTGFKPGKEFFPLDESGNVVPSDTNILDTWAAMEELVDEGLVKAIGIS
NFNHLQVEMILNKPGLKYKPAVNQIECHPYLTQEKLIQYCQSKGIVVTAYSPLGSPDRPWAKPEDPSLLEDPRIKAIAAK
HNKTTAQVLIRFPMQRNLVVIPKSVTPERIAENFKVFDFELSSQDMTTLLSYNRNWRVCALLSCTSHKDYPFHEEF
;
_entity_poly.pdbx_strand_id   A
#
loop_
_chem_comp.id
_chem_comp.type
_chem_comp.name
_chem_comp.formula
LIT non-polymer '{[5-(5-NITRO-2-FURYL)-1,3,4-OXADIAZOL-2-YL]THIO}ACETIC ACID' 'C8 H5 N3 O6 S'
NAP non-polymer 'NADP NICOTINAMIDE-ADENINE-DINUCLEOTIDE PHOSPHATE' 'C21 H28 N7 O17 P3'
#
# COMPACT_ATOMS: atom_id res chain seq x y z
N ALA A 2 17.30 -0.20 10.43
CA ALA A 2 17.71 0.54 9.23
C ALA A 2 16.52 1.21 8.55
N SER A 3 16.75 2.24 7.74
CA SER A 3 15.66 2.93 7.06
C SER A 3 15.08 2.19 5.86
N ARG A 4 15.79 1.23 5.29
CA ARG A 4 15.30 0.51 4.13
C ARG A 4 15.34 -1.00 4.31
N ILE A 5 14.55 -1.73 3.54
CA ILE A 5 14.53 -3.19 3.52
C ILE A 5 14.85 -3.68 2.12
N LEU A 6 15.60 -4.77 1.97
CA LEU A 6 16.00 -5.32 0.69
C LEU A 6 14.88 -6.21 0.13
N LEU A 7 14.49 -5.93 -1.08
CA LEU A 7 13.52 -6.58 -1.91
C LEU A 7 14.21 -7.68 -2.73
N ASN A 8 13.41 -8.60 -3.25
CA ASN A 8 13.96 -9.75 -3.97
C ASN A 8 14.35 -9.42 -5.42
N ASN A 9 14.26 -8.14 -5.81
CA ASN A 9 14.75 -7.65 -7.08
C ASN A 9 16.13 -6.99 -6.88
N GLY A 10 16.63 -7.05 -5.65
CA GLY A 10 17.91 -6.47 -5.30
C GLY A 10 17.90 -4.99 -4.95
N ALA A 11 16.78 -4.30 -4.99
CA ALA A 11 16.64 -2.91 -4.60
C ALA A 11 16.19 -2.79 -3.13
N LYS A 12 16.47 -1.63 -2.56
CA LYS A 12 16.15 -1.28 -1.17
C LYS A 12 14.93 -0.36 -1.12
N MET A 13 14.01 -0.63 -0.24
CA MET A 13 12.71 0.04 -0.13
C MET A 13 12.63 0.77 1.20
N PRO A 14 12.39 2.08 1.25
CA PRO A 14 12.20 2.75 2.54
C PRO A 14 11.00 2.19 3.31
N ILE A 15 11.24 1.84 4.57
CA ILE A 15 10.24 1.16 5.38
C ILE A 15 9.14 2.12 5.83
N LEU A 16 9.37 3.43 5.69
CA LEU A 16 8.29 4.39 5.95
C LEU A 16 7.96 5.14 4.67
N GLY A 17 6.67 5.13 4.32
CA GLY A 17 6.22 5.86 3.15
C GLY A 17 5.03 6.76 3.52
N LEU A 18 4.70 7.70 2.64
CA LEU A 18 3.53 8.56 2.75
C LEU A 18 2.38 8.01 1.92
N GLY A 19 1.26 7.73 2.60
CA GLY A 19 0.05 7.36 1.92
C GLY A 19 -0.63 8.56 1.28
N THR A 20 -1.39 8.32 0.22
CA THR A 20 -2.10 9.37 -0.51
C THR A 20 -3.56 9.06 -0.83
N TRP A 21 -4.10 7.95 -0.39
CA TRP A 21 -5.53 7.71 -0.60
C TRP A 21 -6.33 8.70 0.22
N LYS A 22 -7.28 9.38 -0.41
CA LYS A 22 -8.11 10.39 0.20
C LYS A 22 -7.39 11.73 0.40
N SER A 23 -6.18 11.88 -0.06
CA SER A 23 -5.51 13.19 0.09
C SER A 23 -6.10 14.13 -0.94
N PRO A 24 -6.77 15.19 -0.51
CA PRO A 24 -7.44 16.03 -1.51
C PRO A 24 -6.46 16.55 -2.54
N PRO A 25 -6.86 16.62 -3.81
CA PRO A 25 -5.92 17.05 -4.86
C PRO A 25 -5.37 18.44 -4.59
N GLY A 26 -6.10 19.30 -3.91
CA GLY A 26 -5.72 20.64 -3.52
C GLY A 26 -4.77 20.71 -2.34
N GLN A 27 -4.57 19.59 -1.66
CA GLN A 27 -3.65 19.58 -0.53
C GLN A 27 -2.47 18.63 -0.70
N VAL A 28 -2.53 17.69 -1.64
CA VAL A 28 -1.53 16.62 -1.68
C VAL A 28 -0.21 17.10 -2.24
N THR A 29 -0.18 18.13 -3.10
CA THR A 29 1.13 18.61 -3.55
C THR A 29 1.95 19.16 -2.40
N GLU A 30 1.31 20.04 -1.62
CA GLU A 30 2.03 20.50 -0.44
C GLU A 30 2.32 19.34 0.50
N ALA A 31 1.40 18.40 0.73
CA ALA A 31 1.72 17.31 1.66
C ALA A 31 2.96 16.55 1.25
N VAL A 32 3.10 16.22 -0.03
CA VAL A 32 4.26 15.52 -0.52
C VAL A 32 5.54 16.35 -0.48
N LYS A 33 5.42 17.63 -0.78
CA LYS A 33 6.59 18.52 -0.64
C LYS A 33 7.09 18.53 0.79
N VAL A 34 6.19 18.69 1.76
CA VAL A 34 6.56 18.70 3.17
C VAL A 34 7.14 17.37 3.59
N ALA A 35 6.52 16.27 3.15
CA ALA A 35 7.06 14.95 3.46
C ALA A 35 8.48 14.78 2.96
N ILE A 36 8.75 15.19 1.73
CA ILE A 36 10.14 15.03 1.26
C ILE A 36 11.05 15.96 2.04
N ASP A 37 10.63 17.19 2.30
CA ASP A 37 11.49 18.07 3.12
C ASP A 37 11.83 17.47 4.47
N VAL A 38 10.93 16.72 5.10
CA VAL A 38 11.17 16.23 6.45
C VAL A 38 11.73 14.80 6.44
N GLY A 39 12.08 14.25 5.28
CA GLY A 39 12.81 13.00 5.19
C GLY A 39 12.14 11.84 4.49
N TYR A 40 10.85 11.96 4.15
CA TYR A 40 10.26 10.80 3.48
C TYR A 40 10.86 10.63 2.10
N ARG A 41 11.03 9.33 1.79
CA ARG A 41 11.62 9.00 0.50
C ARG A 41 10.81 8.00 -0.31
N HIS A 42 9.66 7.62 0.20
CA HIS A 42 8.70 6.67 -0.39
C HIS A 42 7.32 7.31 -0.33
N ILE A 43 6.68 7.30 -1.48
CA ILE A 43 5.31 7.76 -1.63
C ILE A 43 4.45 6.64 -2.20
N ASP A 44 3.34 6.34 -1.58
CA ASP A 44 2.41 5.33 -2.08
C ASP A 44 1.24 5.98 -2.82
N CYS A 45 1.08 5.62 -4.07
CA CYS A 45 0.13 6.22 -5.01
C CYS A 45 -0.77 5.17 -5.64
N ALA A 46 -1.79 5.66 -6.35
CA ALA A 46 -2.62 4.80 -7.17
C ALA A 46 -3.44 5.65 -8.14
N HIS A 47 -3.56 5.17 -9.37
CA HIS A 47 -4.44 5.83 -10.35
C HIS A 47 -5.84 6.06 -9.80
N VAL A 48 -6.41 5.08 -9.09
CA VAL A 48 -7.78 5.14 -8.63
C VAL A 48 -7.94 6.24 -7.59
N TYR A 49 -6.84 6.79 -7.05
CA TYR A 49 -6.94 7.83 -6.03
C TYR A 49 -7.19 9.20 -6.65
N GLN A 50 -6.98 9.32 -7.97
CA GLN A 50 -7.34 10.48 -8.75
C GLN A 50 -6.57 11.74 -8.40
N ASN A 51 -5.35 11.53 -7.89
CA ASN A 51 -4.52 12.63 -7.41
C ASN A 51 -3.05 12.47 -7.79
N GLU A 52 -2.77 11.54 -8.72
CA GLU A 52 -1.38 11.32 -9.11
C GLU A 52 -0.80 12.53 -9.83
N ASN A 53 -1.60 13.27 -10.60
CA ASN A 53 -0.99 14.47 -11.22
C ASN A 53 -0.41 15.41 -10.16
N GLU A 54 -1.18 15.68 -9.13
CA GLU A 54 -0.75 16.59 -8.05
C GLU A 54 0.39 16.03 -7.23
N VAL A 55 0.42 14.72 -6.98
CA VAL A 55 1.58 14.11 -6.31
C VAL A 55 2.81 14.35 -7.16
N GLY A 56 2.63 14.12 -8.48
CA GLY A 56 3.73 14.27 -9.42
C GLY A 56 4.27 15.70 -9.40
N VAL A 57 3.38 16.68 -9.31
CA VAL A 57 3.86 18.07 -9.25
C VAL A 57 4.83 18.27 -8.09
N ALA A 58 4.55 17.67 -6.94
CA ALA A 58 5.44 17.78 -5.78
C ALA A 58 6.78 17.10 -6.02
N ILE A 59 6.73 15.86 -6.51
CA ILE A 59 7.94 15.10 -6.78
C ILE A 59 8.82 15.88 -7.75
N GLN A 60 8.21 16.41 -8.81
CA GLN A 60 9.01 17.10 -9.83
C GLN A 60 9.62 18.38 -9.26
N GLU A 61 8.88 19.14 -8.47
CA GLU A 61 9.43 20.34 -7.84
C GLU A 61 10.64 19.99 -6.98
N LYS A 62 10.56 18.93 -6.20
CA LYS A 62 11.63 18.63 -5.26
C LYS A 62 12.84 18.05 -5.99
N LEU A 63 12.61 17.35 -7.10
CA LEU A 63 13.75 16.95 -7.94
C LEU A 63 14.39 18.17 -8.57
N ARG A 64 13.56 19.06 -9.12
CA ARG A 64 14.09 20.25 -9.79
C ARG A 64 14.87 21.11 -8.80
N GLU A 65 14.40 21.25 -7.58
CA GLU A 65 15.03 22.04 -6.54
C GLU A 65 16.28 21.37 -5.97
N GLN A 66 16.52 20.14 -6.36
CA GLN A 66 17.58 19.23 -5.91
C GLN A 66 17.59 19.04 -4.41
N VAL A 67 16.37 18.93 -3.85
CA VAL A 67 16.16 18.49 -2.50
C VAL A 67 16.47 17.00 -2.37
N VAL A 68 16.16 16.29 -3.43
CA VAL A 68 16.38 14.85 -3.53
C VAL A 68 16.77 14.45 -4.96
N LYS A 69 17.47 13.34 -5.13
CA LYS A 69 17.75 12.73 -6.42
C LYS A 69 16.71 11.66 -6.74
N ARG A 70 16.41 11.44 -8.00
CA ARG A 70 15.44 10.41 -8.38
C ARG A 70 15.80 9.06 -7.79
N GLU A 71 17.09 8.71 -7.73
CA GLU A 71 17.46 7.41 -7.24
C GLU A 71 17.24 7.25 -5.76
N GLU A 72 17.11 8.37 -5.07
CA GLU A 72 16.84 8.32 -3.63
C GLU A 72 15.37 8.17 -3.32
N LEU A 73 14.50 8.33 -4.32
CA LEU A 73 13.05 8.23 -4.11
C LEU A 73 12.58 6.84 -4.51
N PHE A 74 11.52 6.41 -3.84
CA PHE A 74 10.88 5.12 -4.03
C PHE A 74 9.38 5.37 -4.23
N ILE A 75 8.99 5.39 -5.51
CA ILE A 75 7.62 5.74 -5.86
C ILE A 75 6.85 4.49 -6.29
N VAL A 76 5.70 4.34 -5.64
CA VAL A 76 4.89 3.13 -5.77
C VAL A 76 3.54 3.51 -6.37
N SER A 77 3.08 2.79 -7.39
CA SER A 77 1.69 2.99 -7.81
C SER A 77 1.08 1.62 -8.10
N LYS A 78 -0.20 1.59 -8.52
CA LYS A 78 -0.96 0.36 -8.53
C LYS A 78 -1.89 0.34 -9.76
N LEU A 79 -1.99 -0.82 -10.37
CA LEU A 79 -2.83 -1.09 -11.53
C LEU A 79 -4.26 -1.28 -11.07
N TRP A 80 -5.18 -0.42 -11.50
CA TRP A 80 -6.56 -0.55 -11.06
C TRP A 80 -7.25 -1.76 -11.72
N CYS A 81 -8.33 -2.26 -11.19
CA CYS A 81 -9.12 -3.43 -11.44
C CYS A 81 -9.66 -3.45 -12.85
N THR A 82 -9.90 -2.29 -13.45
CA THR A 82 -10.51 -2.23 -14.77
C THR A 82 -9.45 -2.33 -15.86
N TYR A 83 -8.22 -2.57 -15.47
CA TYR A 83 -7.11 -2.67 -16.41
C TYR A 83 -6.37 -4.01 -16.30
N HIS A 84 -6.98 -5.08 -15.80
CA HIS A 84 -6.26 -6.36 -15.72
C HIS A 84 -6.02 -7.03 -17.07
N GLU A 85 -6.71 -6.62 -18.11
CA GLU A 85 -6.47 -7.19 -19.45
C GLU A 85 -5.04 -6.95 -19.92
N LYS A 86 -4.39 -7.97 -20.47
CA LYS A 86 -2.98 -7.82 -20.88
C LYS A 86 -2.78 -6.64 -21.81
N GLY A 87 -3.73 -6.30 -22.68
CA GLY A 87 -3.60 -5.20 -23.60
C GLY A 87 -3.79 -3.81 -23.00
N LEU A 88 -4.22 -3.75 -21.73
CA LEU A 88 -4.47 -2.46 -21.07
C LEU A 88 -3.42 -2.08 -20.04
N VAL A 89 -2.62 -3.05 -19.62
CA VAL A 89 -1.69 -2.85 -18.52
C VAL A 89 -0.62 -1.83 -18.87
N LYS A 90 0.00 -1.88 -20.04
CA LYS A 90 1.05 -0.91 -20.31
C LYS A 90 0.50 0.52 -20.30
N GLY A 91 -0.65 0.72 -20.92
CA GLY A 91 -1.23 2.05 -21.01
C GLY A 91 -1.55 2.62 -19.65
N ALA A 92 -2.07 1.76 -18.78
CA ALA A 92 -2.43 2.15 -17.40
C ALA A 92 -1.15 2.54 -16.70
N CYS A 93 -0.05 1.79 -16.88
CA CYS A 93 1.22 2.17 -16.23
C CYS A 93 1.72 3.50 -16.74
N GLN A 94 1.65 3.64 -18.06
CA GLN A 94 2.13 4.83 -18.75
C GLN A 94 1.37 6.08 -18.34
N LYS A 95 0.07 5.97 -18.11
CA LYS A 95 -0.75 7.07 -17.64
C LYS A 95 -0.27 7.49 -16.26
N THR A 96 -0.07 6.52 -15.39
CA THR A 96 0.48 6.83 -14.06
C THR A 96 1.83 7.49 -14.17
N LEU A 97 2.72 6.98 -15.02
CA LEU A 97 4.05 7.57 -15.14
C LEU A 97 3.96 9.02 -15.61
N SER A 98 3.09 9.25 -16.57
CA SER A 98 2.88 10.57 -17.14
C SER A 98 2.34 11.51 -16.08
N ASP A 99 1.38 11.05 -15.26
CA ASP A 99 0.82 11.89 -14.22
C ASP A 99 1.83 12.19 -13.13
N LEU A 100 2.62 11.21 -12.74
CA LEU A 100 3.64 11.37 -11.70
C LEU A 100 4.91 12.06 -12.22
N LYS A 101 5.01 12.18 -13.52
CA LYS A 101 6.05 12.83 -14.31
C LYS A 101 7.39 12.14 -14.05
N LEU A 102 7.26 10.82 -14.19
CA LEU A 102 8.34 9.90 -13.93
C LEU A 102 8.66 9.09 -15.20
N ASP A 103 9.92 8.65 -15.27
CA ASP A 103 10.16 7.72 -16.39
C ASP A 103 10.18 6.27 -15.94
N TYR A 104 10.18 5.97 -14.66
CA TYR A 104 9.98 4.64 -14.15
C TYR A 104 9.28 4.71 -12.81
N LEU A 105 8.65 3.64 -12.39
CA LEU A 105 8.18 3.39 -11.05
C LEU A 105 9.16 2.48 -10.32
N ASP A 106 9.40 2.72 -9.03
CA ASP A 106 10.17 1.74 -8.25
C ASP A 106 9.43 0.44 -8.00
N LEU A 107 8.11 0.56 -7.89
CA LEU A 107 7.26 -0.59 -7.62
C LEU A 107 5.87 -0.35 -8.18
N TYR A 108 5.36 -1.34 -8.90
CA TYR A 108 4.03 -1.31 -9.48
C TYR A 108 3.28 -2.55 -8.96
N LEU A 109 2.14 -2.29 -8.30
CA LEU A 109 1.38 -3.39 -7.70
C LEU A 109 0.08 -3.70 -8.42
N ILE A 110 -0.35 -4.95 -8.45
CA ILE A 110 -1.72 -5.23 -8.86
C ILE A 110 -2.58 -4.81 -7.68
N HIS A 111 -3.45 -3.82 -7.84
CA HIS A 111 -4.08 -3.20 -6.67
C HIS A 111 -4.99 -4.14 -5.88
N TRP A 112 -5.76 -4.95 -6.59
CA TRP A 112 -6.62 -6.01 -6.08
C TRP A 112 -6.59 -7.22 -7.00
N PRO A 113 -6.79 -8.41 -6.47
CA PRO A 113 -6.81 -9.63 -7.30
C PRO A 113 -8.01 -9.66 -8.24
N THR A 114 -9.03 -8.86 -7.94
CA THR A 114 -10.24 -8.85 -8.73
C THR A 114 -10.18 -7.98 -9.97
N GLY A 115 -10.43 -8.57 -11.13
CA GLY A 115 -10.45 -7.79 -12.35
C GLY A 115 -11.87 -7.38 -12.68
N PHE A 116 -12.08 -6.16 -13.13
CA PHE A 116 -13.39 -5.64 -13.48
C PHE A 116 -13.44 -5.37 -14.97
N LYS A 117 -14.64 -5.36 -15.58
CA LYS A 117 -14.91 -4.93 -16.92
C LYS A 117 -14.23 -3.60 -17.25
N PRO A 118 -13.45 -3.48 -18.32
CA PRO A 118 -12.81 -2.21 -18.66
C PRO A 118 -13.86 -1.20 -19.12
N GLY A 119 -13.51 0.07 -18.97
CA GLY A 119 -14.37 1.18 -19.22
C GLY A 119 -13.99 2.40 -18.41
N LYS A 120 -14.78 3.45 -18.54
CA LYS A 120 -14.52 4.72 -17.86
C LYS A 120 -14.76 4.55 -16.37
N GLU A 121 -15.75 3.73 -16.00
CA GLU A 121 -16.15 3.51 -14.63
C GLU A 121 -15.13 2.64 -13.87
N PHE A 122 -14.60 2.95 -12.70
CA PHE A 122 -13.68 2.27 -11.85
C PHE A 122 -14.43 1.12 -11.17
N PHE A 123 -15.74 1.28 -10.94
CA PHE A 123 -16.52 0.17 -10.39
C PHE A 123 -17.72 -0.02 -11.31
N PRO A 124 -17.57 -0.70 -12.43
CA PRO A 124 -18.72 -0.91 -13.32
C PRO A 124 -19.74 -1.84 -12.66
N LEU A 125 -21.00 -1.40 -12.73
CA LEU A 125 -22.08 -2.06 -12.06
C LEU A 125 -23.08 -2.61 -13.06
N ASP A 126 -23.68 -3.75 -12.68
CA ASP A 126 -24.86 -4.23 -13.40
C ASP A 126 -26.07 -3.63 -12.66
N GLU A 127 -27.31 -3.90 -13.09
CA GLU A 127 -28.41 -3.36 -12.30
C GLU A 127 -28.97 -4.45 -11.37
N SER A 128 -28.45 -4.50 -10.19
CA SER A 128 -28.30 -4.76 -8.81
C SER A 128 -27.04 -4.34 -8.06
N GLY A 129 -26.05 -3.59 -8.55
CA GLY A 129 -24.98 -3.13 -7.68
C GLY A 129 -23.86 -4.12 -7.51
N ASN A 130 -23.92 -5.23 -8.25
CA ASN A 130 -22.77 -6.13 -8.22
C ASN A 130 -21.73 -5.62 -9.23
N VAL A 131 -20.48 -5.71 -8.82
CA VAL A 131 -19.46 -5.27 -9.78
C VAL A 131 -19.38 -6.26 -10.92
N VAL A 132 -19.21 -5.75 -12.13
CA VAL A 132 -19.10 -6.59 -13.30
C VAL A 132 -17.67 -7.08 -13.48
N PRO A 133 -17.40 -8.38 -13.35
CA PRO A 133 -16.03 -8.82 -13.50
C PRO A 133 -15.51 -8.86 -14.94
N SER A 134 -14.19 -8.95 -15.02
CA SER A 134 -13.35 -9.28 -16.13
C SER A 134 -13.06 -10.80 -16.14
N ASP A 135 -12.95 -11.41 -17.31
CA ASP A 135 -12.62 -12.83 -17.38
C ASP A 135 -11.12 -13.05 -17.39
N THR A 136 -10.33 -12.01 -17.19
CA THR A 136 -8.89 -12.17 -17.08
C THR A 136 -8.49 -12.68 -15.70
N ASN A 137 -7.54 -13.63 -15.68
CA ASN A 137 -7.18 -14.09 -14.33
C ASN A 137 -5.81 -13.59 -13.90
N ILE A 138 -5.59 -13.69 -12.62
CA ILE A 138 -4.42 -13.21 -11.88
C ILE A 138 -3.15 -13.51 -12.68
N LEU A 139 -2.97 -14.73 -13.18
CA LEU A 139 -1.70 -15.14 -13.81
C LEU A 139 -1.40 -14.42 -15.12
N ASP A 140 -2.36 -14.15 -16.01
CA ASP A 140 -2.13 -13.43 -17.25
C ASP A 140 -1.83 -11.97 -16.96
N THR A 141 -2.53 -11.46 -15.94
CA THR A 141 -2.22 -10.10 -15.48
C THR A 141 -0.78 -10.00 -15.00
N TRP A 142 -0.33 -11.00 -14.24
CA TRP A 142 1.04 -11.05 -13.73
C TRP A 142 2.04 -11.07 -14.88
N ALA A 143 1.80 -11.87 -15.91
CA ALA A 143 2.70 -11.89 -17.05
C ALA A 143 2.78 -10.50 -17.66
N ALA A 144 1.65 -9.79 -17.67
CA ALA A 144 1.70 -8.43 -18.21
C ALA A 144 2.50 -7.51 -17.29
N MET A 145 2.41 -7.73 -15.98
CA MET A 145 3.26 -6.95 -15.09
C MET A 145 4.73 -7.26 -15.34
N GLU A 146 5.03 -8.53 -15.54
CA GLU A 146 6.42 -8.87 -15.82
C GLU A 146 6.95 -8.19 -17.09
N GLU A 147 6.14 -7.99 -18.12
CA GLU A 147 6.61 -7.28 -19.31
C GLU A 147 7.04 -5.86 -18.99
N LEU A 148 6.40 -5.20 -18.02
CA LEU A 148 6.74 -3.85 -17.64
C LEU A 148 8.16 -3.74 -17.10
N VAL A 149 8.57 -4.74 -16.31
CA VAL A 149 9.95 -4.79 -15.87
C VAL A 149 10.87 -4.86 -17.08
N ASP A 150 10.54 -5.72 -18.03
CA ASP A 150 11.39 -6.01 -19.18
C ASP A 150 11.40 -4.89 -20.22
N GLU A 151 10.50 -3.93 -20.04
CA GLU A 151 10.49 -2.73 -20.88
C GLU A 151 11.08 -1.53 -20.14
N GLY A 152 11.51 -1.68 -18.90
CA GLY A 152 12.11 -0.56 -18.19
C GLY A 152 11.13 0.41 -17.59
N LEU A 153 9.82 0.13 -17.61
CA LEU A 153 8.89 1.10 -17.02
C LEU A 153 8.83 0.98 -15.51
N VAL A 154 9.15 -0.14 -14.91
CA VAL A 154 9.05 -0.36 -13.47
C VAL A 154 10.25 -1.21 -13.05
N LYS A 155 10.79 -0.90 -11.86
CA LYS A 155 11.95 -1.64 -11.34
C LYS A 155 11.53 -2.91 -10.61
N ALA A 156 10.33 -2.94 -10.03
CA ALA A 156 9.79 -4.03 -9.26
C ALA A 156 8.29 -4.10 -9.46
N ILE A 157 7.78 -5.34 -9.40
CA ILE A 157 6.35 -5.57 -9.46
C ILE A 157 5.92 -6.33 -8.22
N GLY A 158 4.65 -6.16 -7.86
CA GLY A 158 4.07 -6.76 -6.70
C GLY A 158 2.56 -6.85 -6.75
N ILE A 159 1.98 -7.20 -5.62
CA ILE A 159 0.55 -7.47 -5.49
C ILE A 159 0.04 -6.76 -4.24
N SER A 160 -1.27 -6.70 -4.08
CA SER A 160 -1.89 -6.01 -2.96
C SER A 160 -3.24 -6.69 -2.69
N ASN A 161 -3.57 -6.92 -1.43
CA ASN A 161 -4.84 -7.54 -1.05
C ASN A 161 -4.97 -8.95 -1.62
N PHE A 162 -3.87 -9.64 -1.83
CA PHE A 162 -3.79 -11.04 -2.21
C PHE A 162 -3.74 -11.91 -0.94
N ASN A 163 -4.63 -12.89 -0.87
CA ASN A 163 -4.63 -13.81 0.27
C ASN A 163 -3.59 -14.90 0.05
N HIS A 164 -3.37 -15.74 1.03
CA HIS A 164 -2.36 -16.81 1.00
C HIS A 164 -2.49 -17.63 -0.28
N LEU A 165 -3.71 -18.05 -0.60
CA LEU A 165 -3.88 -18.94 -1.77
C LEU A 165 -3.57 -18.19 -3.06
N GLN A 166 -3.83 -16.89 -3.11
CA GLN A 166 -3.53 -16.12 -4.32
C GLN A 166 -2.06 -15.80 -4.42
N VAL A 167 -1.38 -15.55 -3.29
CA VAL A 167 0.06 -15.38 -3.41
C VAL A 167 0.66 -16.68 -3.93
N GLU A 168 0.27 -17.78 -3.28
CA GLU A 168 0.72 -19.09 -3.74
C GLU A 168 0.42 -19.32 -5.19
N MET A 169 -0.72 -18.90 -5.72
CA MET A 169 -0.97 -19.09 -7.16
C MET A 169 0.03 -18.36 -8.04
N ILE A 170 0.43 -17.15 -7.66
CA ILE A 170 1.50 -16.51 -8.46
C ILE A 170 2.81 -17.24 -8.31
N LEU A 171 3.20 -17.57 -7.07
CA LEU A 171 4.47 -18.27 -6.87
C LEU A 171 4.55 -19.56 -7.70
N ASN A 172 3.40 -20.20 -7.90
CA ASN A 172 3.36 -21.45 -8.63
C ASN A 172 2.98 -21.25 -10.08
N LYS A 173 2.96 -20.03 -10.60
CA LYS A 173 2.59 -19.81 -11.98
C LYS A 173 3.54 -20.51 -12.95
N PRO A 174 2.99 -21.26 -13.89
CA PRO A 174 3.86 -21.89 -14.88
C PRO A 174 4.69 -20.83 -15.58
N GLY A 175 6.01 -21.02 -15.65
CA GLY A 175 6.84 -20.08 -16.36
C GLY A 175 7.07 -18.76 -15.66
N LEU A 176 6.79 -18.72 -14.36
CA LEU A 176 7.01 -17.48 -13.62
C LEU A 176 8.39 -16.88 -13.86
N LYS A 177 8.41 -15.59 -14.19
CA LYS A 177 9.70 -14.95 -14.50
C LYS A 177 10.24 -14.09 -13.38
N TYR A 178 9.36 -13.30 -12.76
CA TYR A 178 9.71 -12.54 -11.56
C TYR A 178 8.71 -12.78 -10.44
N LYS A 179 9.20 -13.10 -9.23
CA LYS A 179 8.32 -13.22 -8.09
C LYS A 179 7.81 -11.82 -7.71
N PRO A 180 6.64 -11.77 -7.10
CA PRO A 180 6.20 -10.50 -6.52
C PRO A 180 7.23 -10.04 -5.47
N ALA A 181 7.55 -8.75 -5.47
CA ALA A 181 8.43 -8.21 -4.45
C ALA A 181 7.83 -7.84 -3.13
N VAL A 182 6.58 -7.48 -3.24
CA VAL A 182 5.77 -6.92 -2.16
C VAL A 182 4.34 -7.43 -2.28
N ASN A 183 3.79 -7.69 -1.11
CA ASN A 183 2.36 -7.83 -0.95
C ASN A 183 1.86 -6.71 -0.03
N GLN A 184 1.04 -5.76 -0.51
CA GLN A 184 0.59 -4.66 0.32
C GLN A 184 -0.81 -4.96 0.87
N ILE A 185 -0.93 -5.04 2.17
CA ILE A 185 -2.16 -5.50 2.82
C ILE A 185 -2.51 -4.64 4.01
N GLU A 186 -3.78 -4.63 4.41
CA GLU A 186 -4.22 -3.91 5.56
C GLU A 186 -3.57 -4.54 6.78
N CYS A 187 -3.05 -3.74 7.71
CA CYS A 187 -2.44 -4.37 8.89
C CYS A 187 -2.29 -3.34 10.01
N HIS A 188 -2.75 -3.73 11.19
CA HIS A 188 -2.76 -2.85 12.37
C HIS A 188 -3.15 -3.71 13.59
N PRO A 189 -3.11 -3.20 14.81
CA PRO A 189 -3.41 -4.08 15.95
C PRO A 189 -4.79 -4.70 16.00
N TYR A 190 -5.82 -4.19 15.37
CA TYR A 190 -7.09 -4.90 15.14
C TYR A 190 -7.14 -5.87 13.97
N LEU A 191 -6.13 -6.02 13.12
CA LEU A 191 -6.01 -6.91 11.99
C LEU A 191 -4.53 -7.22 11.78
N THR A 192 -4.04 -8.13 12.62
CA THR A 192 -2.61 -8.34 12.78
C THR A 192 -2.03 -9.24 11.71
N GLN A 193 -2.81 -10.05 11.04
CA GLN A 193 -2.36 -10.79 9.86
C GLN A 193 -1.19 -11.72 10.05
N GLU A 194 -1.04 -12.36 11.23
CA GLU A 194 0.14 -13.15 11.50
C GLU A 194 0.40 -14.24 10.46
N LYS A 195 -0.65 -14.94 10.02
CA LYS A 195 -0.49 -16.08 9.11
C LYS A 195 -0.01 -15.60 7.73
N LEU A 196 -0.69 -14.60 7.17
CA LEU A 196 -0.33 -14.14 5.81
C LEU A 196 1.05 -13.51 5.78
N ILE A 197 1.37 -12.74 6.84
CA ILE A 197 2.68 -12.13 6.87
C ILE A 197 3.81 -13.16 6.96
N GLN A 198 3.65 -14.19 7.79
CA GLN A 198 4.66 -15.23 7.91
C GLN A 198 4.84 -15.98 6.58
N TYR A 199 3.73 -16.28 5.91
CA TYR A 199 3.83 -16.98 4.63
C TYR A 199 4.61 -16.12 3.65
N CYS A 200 4.18 -14.84 3.55
CA CYS A 200 4.85 -13.96 2.62
C CYS A 200 6.32 -13.81 2.93
N GLN A 201 6.68 -13.55 4.19
CA GLN A 201 8.08 -13.35 4.52
C GLN A 201 8.85 -14.66 4.33
N SER A 202 8.16 -15.77 4.56
CA SER A 202 8.91 -17.03 4.34
C SER A 202 9.28 -17.25 2.89
N LYS A 203 8.58 -16.57 1.99
CA LYS A 203 8.86 -16.65 0.56
C LYS A 203 9.68 -15.50 -0.02
N GLY A 204 10.20 -14.63 0.84
CA GLY A 204 11.02 -13.51 0.51
C GLY A 204 10.25 -12.32 -0.05
N ILE A 205 8.95 -12.30 0.14
CA ILE A 205 8.05 -11.22 -0.24
C ILE A 205 7.87 -10.27 0.94
N VAL A 206 8.17 -9.01 0.70
CA VAL A 206 8.06 -7.97 1.72
C VAL A 206 6.61 -7.54 1.83
N VAL A 207 6.16 -7.39 3.06
CA VAL A 207 4.78 -6.98 3.30
C VAL A 207 4.78 -5.50 3.67
N THR A 208 3.91 -4.76 3.02
CA THR A 208 3.61 -3.40 3.35
C THR A 208 2.25 -3.32 4.04
N ALA A 209 2.23 -2.64 5.17
CA ALA A 209 1.03 -2.48 5.99
C ALA A 209 0.35 -1.16 5.62
N TYR A 210 -0.88 -1.27 5.16
CA TYR A 210 -1.71 -0.12 4.90
C TYR A 210 -2.74 0.14 6.01
N SER A 211 -3.34 1.32 5.98
CA SER A 211 -4.23 1.82 7.02
C SER A 211 -3.68 1.52 8.40
N PRO A 212 -2.43 1.85 8.72
CA PRO A 212 -1.87 1.46 9.99
C PRO A 212 -2.49 2.20 11.17
N LEU A 213 -3.18 3.32 10.91
CA LEU A 213 -3.82 4.10 11.95
C LEU A 213 -5.32 3.80 12.02
N GLY A 214 -5.73 2.87 11.17
CA GLY A 214 -7.14 2.51 11.09
C GLY A 214 -7.95 3.43 10.20
N SER A 215 -7.32 4.18 9.32
CA SER A 215 -8.02 5.03 8.36
C SER A 215 -9.18 5.80 8.97
N PRO A 216 -8.92 6.63 9.99
CA PRO A 216 -10.05 7.37 10.58
C PRO A 216 -10.81 8.22 9.55
N ASP A 217 -10.32 8.51 8.37
CA ASP A 217 -11.00 9.36 7.38
C ASP A 217 -11.69 8.51 6.32
N ARG A 218 -11.78 7.20 6.56
CA ARG A 218 -12.44 6.36 5.57
C ARG A 218 -13.88 6.82 5.40
N PRO A 219 -14.34 6.80 4.16
CA PRO A 219 -15.66 7.33 3.84
C PRO A 219 -16.79 6.55 4.50
N TRP A 220 -16.57 5.29 4.86
CA TRP A 220 -17.69 4.52 5.39
C TRP A 220 -17.64 4.32 6.90
N ALA A 221 -16.81 5.08 7.60
CA ALA A 221 -16.64 4.92 9.03
C ALA A 221 -18.01 4.99 9.71
N LYS A 222 -18.15 4.41 10.88
CA LYS A 222 -19.33 4.23 11.69
C LYS A 222 -18.98 4.44 13.17
N PRO A 223 -19.80 5.10 13.98
CA PRO A 223 -19.37 5.55 15.30
C PRO A 223 -18.99 4.42 16.26
N GLU A 224 -19.71 3.33 16.14
CA GLU A 224 -19.62 2.11 16.91
C GLU A 224 -18.36 1.32 16.58
N ASP A 225 -17.63 1.83 15.60
CA ASP A 225 -16.47 1.13 15.06
C ASP A 225 -15.31 1.28 16.04
N PRO A 226 -14.46 0.27 16.11
CA PRO A 226 -13.26 0.43 16.97
C PRO A 226 -12.42 1.58 16.46
N SER A 227 -11.68 2.28 17.30
CA SER A 227 -10.79 3.35 16.88
C SER A 227 -9.41 3.13 17.51
N LEU A 228 -8.42 2.67 16.75
CA LEU A 228 -7.07 2.52 17.27
C LEU A 228 -6.53 3.76 17.95
N LEU A 229 -6.74 4.90 17.29
CA LEU A 229 -6.13 6.11 17.80
C LEU A 229 -6.68 6.51 19.17
N GLU A 230 -7.86 6.00 19.48
CA GLU A 230 -8.49 6.41 20.74
C GLU A 230 -8.49 5.27 21.76
N ASP A 231 -7.83 4.18 21.40
CA ASP A 231 -7.83 2.98 22.25
C ASP A 231 -6.98 3.27 23.48
N PRO A 232 -7.62 3.26 24.65
CA PRO A 232 -6.85 3.63 25.83
C PRO A 232 -5.62 2.75 26.10
N ARG A 233 -5.68 1.51 25.63
CA ARG A 233 -4.59 0.58 25.85
C ARG A 233 -3.38 0.97 25.02
N ILE A 234 -3.63 1.46 23.82
CA ILE A 234 -2.55 1.88 22.93
C ILE A 234 -2.05 3.24 23.36
N LYS A 235 -2.90 4.19 23.74
CA LYS A 235 -2.46 5.44 24.32
C LYS A 235 -1.52 5.19 25.51
N ALA A 236 -1.80 4.13 26.27
CA ALA A 236 -0.98 3.90 27.46
C ALA A 236 0.44 3.49 27.11
N ILE A 237 0.53 2.67 26.06
CA ILE A 237 1.86 2.27 25.60
C ILE A 237 2.58 3.51 25.09
N ALA A 238 1.86 4.37 24.36
CA ALA A 238 2.50 5.59 23.89
C ALA A 238 2.97 6.52 25.01
N ALA A 239 2.12 6.65 26.01
CA ALA A 239 2.49 7.52 27.13
C ALA A 239 3.76 7.00 27.79
N LYS A 240 3.79 5.68 27.97
CA LYS A 240 4.96 5.05 28.61
C LYS A 240 6.24 5.40 27.87
N HIS A 241 6.13 5.43 26.54
CA HIS A 241 7.29 5.73 25.71
C HIS A 241 7.46 7.21 25.38
N ASN A 242 6.59 8.07 25.86
CA ASN A 242 6.70 9.49 25.55
C ASN A 242 6.55 9.78 24.05
N LYS A 243 5.63 9.06 23.43
CA LYS A 243 5.40 9.19 21.99
C LYS A 243 3.91 9.34 21.77
N THR A 244 3.49 9.71 20.55
CA THR A 244 2.04 9.72 20.34
C THR A 244 1.54 8.33 19.97
N THR A 245 0.23 8.18 20.07
CA THR A 245 -0.41 6.93 19.68
C THR A 245 -0.12 6.60 18.22
N ALA A 246 -0.16 7.60 17.34
CA ALA A 246 0.13 7.35 15.92
C ALA A 246 1.53 6.80 15.73
N GLN A 247 2.52 7.27 16.46
CA GLN A 247 3.93 6.90 16.36
C GLN A 247 4.08 5.48 16.86
N VAL A 248 3.33 5.09 17.90
CA VAL A 248 3.36 3.69 18.30
C VAL A 248 2.77 2.82 17.19
N LEU A 249 1.70 3.27 16.57
CA LEU A 249 1.02 2.49 15.53
C LEU A 249 1.86 2.34 14.29
N ILE A 250 2.76 3.29 14.04
CA ILE A 250 3.69 3.26 12.92
C ILE A 250 4.92 2.41 13.28
N ARG A 251 5.45 2.55 14.47
CA ARG A 251 6.61 1.75 14.89
C ARG A 251 6.29 0.26 14.97
N PHE A 252 5.05 -0.10 15.35
CA PHE A 252 4.63 -1.47 15.52
C PHE A 252 4.89 -2.30 14.27
N PRO A 253 4.36 -1.96 13.08
CA PRO A 253 4.74 -2.78 11.92
C PRO A 253 6.22 -2.73 11.54
N MET A 254 6.91 -1.60 11.73
CA MET A 254 8.34 -1.53 11.48
C MET A 254 9.11 -2.66 12.18
N GLN A 255 8.69 -2.96 13.41
CA GLN A 255 9.38 -3.99 14.20
C GLN A 255 8.95 -5.40 13.91
N ARG A 256 8.00 -5.58 13.00
CA ARG A 256 7.63 -6.88 12.44
C ARG A 256 8.27 -7.07 11.06
N ASN A 257 9.21 -6.19 10.71
CA ASN A 257 9.90 -6.12 9.44
C ASN A 257 8.94 -5.84 8.29
N LEU A 258 7.96 -4.99 8.54
CA LEU A 258 7.06 -4.52 7.51
C LEU A 258 7.45 -3.11 7.12
N VAL A 259 7.03 -2.74 5.93
CA VAL A 259 6.95 -1.40 5.42
C VAL A 259 5.58 -0.83 5.82
N VAL A 260 5.54 0.46 6.11
CA VAL A 260 4.27 1.04 6.59
C VAL A 260 4.06 2.41 5.95
N ILE A 261 2.82 2.71 5.60
CA ILE A 261 2.55 3.89 4.76
C ILE A 261 1.45 4.76 5.32
N PRO A 262 1.64 5.39 6.45
CA PRO A 262 0.60 6.25 7.03
C PRO A 262 0.31 7.43 6.11
N LYS A 263 -0.96 7.79 6.03
CA LYS A 263 -1.39 8.94 5.24
C LYS A 263 -1.63 10.16 6.14
N SER A 264 -1.16 11.31 5.70
CA SER A 264 -1.60 12.59 6.25
C SER A 264 -1.42 13.69 5.20
N VAL A 265 -2.31 14.68 5.25
CA VAL A 265 -2.11 15.93 4.54
C VAL A 265 -1.86 17.08 5.53
N THR A 266 -1.68 16.77 6.80
CA THR A 266 -1.44 17.76 7.83
C THR A 266 0.07 17.90 8.05
N PRO A 267 0.69 19.04 7.78
CA PRO A 267 2.16 19.15 7.89
C PRO A 267 2.72 18.67 9.22
N GLU A 268 2.10 19.04 10.35
CA GLU A 268 2.61 18.67 11.65
C GLU A 268 2.58 17.16 11.87
N ARG A 269 1.52 16.51 11.40
CA ARG A 269 1.39 15.06 11.49
C ARG A 269 2.31 14.34 10.52
N ILE A 270 2.50 14.91 9.33
CA ILE A 270 3.51 14.32 8.42
C ILE A 270 4.87 14.23 9.10
N ALA A 271 5.29 15.34 9.73
CA ALA A 271 6.55 15.36 10.45
C ALA A 271 6.55 14.44 11.66
N GLU A 272 5.48 14.43 12.43
CA GLU A 272 5.37 13.60 13.64
C GLU A 272 5.48 12.12 13.28
N ASN A 273 4.78 11.75 12.22
CA ASN A 273 4.72 10.37 11.79
C ASN A 273 6.09 9.83 11.36
N PHE A 274 7.02 10.69 10.97
CA PHE A 274 8.34 10.30 10.53
C PHE A 274 9.29 10.08 11.71
N LYS A 275 8.98 10.63 12.87
CA LYS A 275 9.85 10.59 14.04
C LYS A 275 9.64 9.32 14.85
N VAL A 276 9.94 8.21 14.22
CA VAL A 276 9.68 6.87 14.76
C VAL A 276 10.93 6.02 14.70
N PHE A 277 12.08 6.63 14.43
CA PHE A 277 13.32 5.88 14.35
C PHE A 277 14.17 6.12 15.61
N ASP A 278 13.58 6.61 16.68
CA ASP A 278 14.39 6.95 17.85
C ASP A 278 13.95 6.24 19.12
N PHE A 279 13.11 5.23 19.01
CA PHE A 279 12.56 4.54 20.18
C PHE A 279 12.20 3.12 19.77
N GLU A 280 12.14 2.23 20.74
CA GLU A 280 11.86 0.82 20.51
C GLU A 280 10.75 0.35 21.42
N LEU A 281 9.81 -0.38 20.83
CA LEU A 281 8.81 -1.13 21.56
C LEU A 281 9.41 -2.43 22.08
N SER A 282 9.15 -2.83 23.32
CA SER A 282 9.65 -4.09 23.84
C SER A 282 8.92 -5.26 23.19
N SER A 283 9.46 -6.48 23.33
CA SER A 283 8.73 -7.63 22.83
C SER A 283 7.39 -7.77 23.53
N GLN A 284 7.34 -7.36 24.80
CA GLN A 284 6.07 -7.44 25.52
C GLN A 284 5.04 -6.48 24.94
N ASP A 285 5.55 -5.26 24.68
CA ASP A 285 4.74 -4.27 24.00
C ASP A 285 4.22 -4.82 22.67
N MET A 286 5.11 -5.49 21.93
CA MET A 286 4.67 -6.00 20.63
C MET A 286 3.62 -7.08 20.77
N THR A 287 3.85 -7.99 21.72
CA THR A 287 2.89 -9.07 21.94
C THR A 287 1.56 -8.53 22.46
N THR A 288 1.65 -7.49 23.27
CA THR A 288 0.44 -6.83 23.77
C THR A 288 -0.36 -6.21 22.64
N LEU A 289 0.31 -5.46 21.77
CA LEU A 289 -0.39 -4.86 20.61
C LEU A 289 -0.96 -5.97 19.72
N LEU A 290 -0.23 -7.06 19.50
CA LEU A 290 -0.73 -8.16 18.68
C LEU A 290 -2.00 -8.73 19.28
N SER A 291 -2.14 -8.65 20.60
CA SER A 291 -3.28 -9.31 21.26
C SER A 291 -4.60 -8.60 21.00
N TYR A 292 -4.51 -7.40 20.45
CA TYR A 292 -5.75 -6.65 20.22
C TYR A 292 -6.44 -7.07 18.92
N ASN A 293 -5.93 -8.09 18.25
CA ASN A 293 -6.51 -8.47 16.97
C ASN A 293 -7.99 -8.83 17.07
N ARG A 294 -8.79 -8.35 16.14
CA ARG A 294 -10.20 -8.72 16.11
C ARG A 294 -10.63 -8.98 14.67
N ASN A 295 -9.71 -9.14 13.74
CA ASN A 295 -10.05 -9.34 12.34
C ASN A 295 -10.98 -8.25 11.82
N TRP A 296 -10.72 -7.01 12.21
CA TRP A 296 -11.47 -5.85 11.77
C TRP A 296 -10.84 -5.22 10.54
N ARG A 297 -11.51 -5.14 9.40
CA ARG A 297 -11.06 -4.49 8.18
C ARG A 297 -11.70 -3.15 7.84
N VAL A 298 -10.88 -2.17 7.51
CA VAL A 298 -11.21 -0.89 6.91
C VAL A 298 -11.70 -1.14 5.48
N CYS A 299 -10.95 -2.01 4.79
CA CYS A 299 -11.13 -2.20 3.38
C CYS A 299 -11.55 -3.62 3.01
N ALA A 300 -12.86 -3.75 2.83
CA ALA A 300 -13.48 -5.00 2.39
C ALA A 300 -14.67 -4.69 1.51
N LEU A 301 -14.48 -4.22 0.27
CA LEU A 301 -15.71 -3.79 -0.40
C LEU A 301 -16.64 -4.99 -0.70
N LEU A 302 -17.78 -5.04 -0.06
CA LEU A 302 -19.05 -5.70 -0.07
C LEU A 302 -19.61 -5.75 -1.50
N SER A 303 -19.20 -4.78 -2.31
CA SER A 303 -19.68 -4.75 -3.69
C SER A 303 -18.98 -5.80 -4.53
N CYS A 304 -17.89 -6.35 -3.98
CA CYS A 304 -17.17 -7.35 -4.75
C CYS A 304 -17.20 -8.75 -4.14
N THR A 305 -18.08 -8.96 -3.17
CA THR A 305 -18.06 -10.20 -2.41
C THR A 305 -18.46 -11.41 -3.25
N SER A 306 -19.08 -11.22 -4.40
CA SER A 306 -19.38 -12.39 -5.21
C SER A 306 -18.36 -12.60 -6.32
N HIS A 307 -17.43 -11.64 -6.46
CA HIS A 307 -16.37 -11.82 -7.45
C HIS A 307 -15.57 -13.07 -7.13
N LYS A 308 -15.17 -13.85 -8.12
CA LYS A 308 -14.55 -15.14 -7.84
C LYS A 308 -13.20 -15.12 -7.13
N ASP A 309 -12.33 -14.18 -7.36
CA ASP A 309 -11.12 -13.73 -6.75
C ASP A 309 -11.28 -12.74 -5.61
N TYR A 310 -12.48 -12.48 -5.10
CA TYR A 310 -12.58 -11.72 -3.83
C TYR A 310 -11.66 -12.34 -2.79
N PRO A 311 -10.75 -11.55 -2.22
CA PRO A 311 -9.70 -12.16 -1.37
C PRO A 311 -10.05 -12.47 0.07
N PHE A 312 -11.17 -12.01 0.62
CA PHE A 312 -11.35 -12.14 2.05
C PHE A 312 -12.44 -13.10 2.54
N HIS A 313 -12.86 -14.09 1.77
CA HIS A 313 -13.69 -15.17 2.30
C HIS A 313 -12.83 -16.08 3.20
N GLU A 314 -11.69 -16.49 2.69
CA GLU A 314 -10.70 -17.35 3.32
C GLU A 314 -10.16 -16.82 4.64
N GLU A 315 -9.71 -17.76 5.47
CA GLU A 315 -9.15 -17.47 6.80
C GLU A 315 -8.00 -16.47 6.70
N PHE A 316 -7.33 -16.49 5.57
CA PHE A 316 -6.28 -15.52 5.30
C PHE A 316 -5.68 -15.81 3.92
PA NAP B . -4.24 5.71 7.75
O1A NAP B . -4.39 4.58 8.63
O2A NAP B . -2.90 6.07 7.23
O5B NAP B . -4.97 6.94 8.47
C5B NAP B . -5.09 8.20 7.80
C4B NAP B . -5.93 9.12 8.73
O4B NAP B . -5.18 9.34 9.87
C3B NAP B . -6.19 10.51 8.12
O3B NAP B . -7.51 10.87 8.54
C2B NAP B . -5.07 11.35 8.79
O2B NAP B . -5.53 12.71 8.90
C1B NAP B . -4.95 10.71 10.15
N9A NAP B . -3.68 10.92 10.74
C8A NAP B . -2.42 10.83 10.17
N7A NAP B . -1.43 11.02 10.97
C5A NAP B . -2.06 11.26 12.18
C6A NAP B . -1.47 11.54 13.43
N6A NAP B . -0.18 11.64 13.71
N1A NAP B . -2.39 11.75 14.48
C2A NAP B . -3.78 11.68 14.32
N3A NAP B . -4.33 11.41 13.07
C4A NAP B . -3.42 11.20 12.03
O3 NAP B . -5.27 5.49 6.53
PN NAP B . -5.24 5.05 4.99
O1N NAP B . -5.18 6.28 4.16
O2N NAP B . -6.42 4.16 4.84
O5D NAP B . -3.96 4.13 4.79
C5D NAP B . -2.60 4.63 4.57
C4D NAP B . -2.29 4.54 3.09
O4D NAP B . -2.26 3.13 2.64
C3D NAP B . -3.35 5.12 2.08
O3D NAP B . -3.37 6.53 2.07
C2D NAP B . -2.91 4.44 0.77
O2D NAP B . -1.69 5.08 0.33
C1D NAP B . -2.61 3.03 1.25
N1N NAP B . -3.76 2.03 1.18
C2N NAP B . -3.66 1.06 0.18
C3N NAP B . -4.81 0.26 0.01
C7N NAP B . -4.79 -0.83 -1.09
O7N NAP B . -5.82 -1.45 -1.30
N7N NAP B . -3.57 -1.25 -1.38
C4N NAP B . -6.01 0.43 0.79
C5N NAP B . -6.07 1.43 1.81
C6N NAP B . -4.92 2.25 2.01
P2B NAP B . -5.01 13.96 7.99
O1X NAP B . -3.81 14.54 8.78
O2X NAP B . -4.64 13.45 6.66
O3X NAP B . -6.20 14.96 8.06
C1 LIT C . -12.20 -4.85 -3.86
C2 LIT C . -11.86 -4.47 -5.08
C3 LIT C . -11.57 -3.04 -4.91
C4 LIT C . -11.80 -2.85 -3.62
C5 LIT C . -11.68 -1.61 -2.84
N6 LIT C . -11.75 -1.61 -1.56
N7 LIT C . -11.34 -0.32 -1.18
C8 LIT C . -11.07 0.30 -2.26
S9 LIT C . -10.50 1.98 -2.46
C10 LIT C . -9.02 1.90 -1.40
C11 LIT C . -7.97 1.09 -2.11
O12 LIT C . -6.72 1.54 -2.08
O13 LIT C . -8.34 0.20 -2.86
O14 LIT C . -11.27 -0.46 -3.35
O15 LIT C . -12.19 -3.92 -2.91
N16 LIT C . -12.56 -6.08 -3.52
O17 LIT C . -12.63 -7.06 -4.25
O18 LIT C . -12.81 -6.03 -2.28
#